data_2YWI
#
_entry.id   2YWI
#
_cell.length_a   47.382
_cell.length_b   57.223
_cell.length_c   79.526
_cell.angle_alpha   90.00
_cell.angle_beta   107.15
_cell.angle_gamma   90.00
#
_symmetry.space_group_name_H-M   'P 1 21 1'
#
loop_
_entity.id
_entity.type
_entity.pdbx_description
1 polymer 'Hypothetical conserved protein'
2 water water
#
_entity_poly.entity_id   1
_entity_poly.type   'polypeptide(L)'
_entity_poly.pdbx_seq_one_letter_code
;GH(MSE)EERVLG(MSE)PAVESN(MSE)FPLGKQAPPFALTNVIDGNVVRLEDVKSDAATVI(MSE)FICNHCPFVKHV
QHELVRLANDY(MSE)PKGVSFVAINSNDAEQYPEDSPEN(MSE)KKVAEELGYPFPYLYDETQEVAKAYDAACTPDFYI
FDRDLKCVYRGQLDDSRPNNGIPVTGESIRAALDALLEGRPVPEKQKPSIGCSIKWKPSA
;
_entity_poly.pdbx_strand_id   A,B
#
# COMPACT_ATOMS: atom_id res chain seq x y z
N VAL A 7 -4.98 2.94 38.59
CA VAL A 7 -5.14 3.45 37.19
C VAL A 7 -3.78 3.61 36.51
N LEU A 8 -3.52 2.75 35.53
CA LEU A 8 -2.27 2.80 34.80
C LEU A 8 -2.44 3.36 33.41
N GLY A 9 -1.42 4.08 32.96
CA GLY A 9 -1.44 4.65 31.62
C GLY A 9 -2.33 5.84 31.42
N MSE A 10 -2.52 6.18 30.14
CA MSE A 10 -3.34 7.33 29.74
C MSE A 10 -4.24 6.92 28.59
O MSE A 10 -3.85 6.14 27.72
CB MSE A 10 -2.44 8.46 29.24
CG MSE A 10 -1.41 8.95 30.23
SE MSE A 10 -0.33 10.33 29.42
CE MSE A 10 -1.52 11.81 29.68
N PRO A 11 -5.48 7.44 28.56
CA PRO A 11 -6.39 7.08 27.48
C PRO A 11 -5.98 7.72 26.15
N ALA A 12 -6.40 7.10 25.05
CA ALA A 12 -6.12 7.63 23.73
C ALA A 12 -7.06 8.82 23.54
N VAL A 13 -6.70 9.73 22.65
CA VAL A 13 -7.53 10.90 22.37
C VAL A 13 -7.73 11.07 20.87
N GLU A 14 -8.81 11.73 20.48
CA GLU A 14 -9.13 11.94 19.06
C GLU A 14 -8.77 13.34 18.61
N SER A 15 -8.69 13.51 17.29
CA SER A 15 -8.38 14.81 16.69
C SER A 15 -9.37 15.86 17.16
N ASN A 16 -8.93 17.12 17.18
CA ASN A 16 -9.80 18.23 17.59
C ASN A 16 -10.46 18.86 16.37
N MSE A 17 -10.17 18.29 15.21
CA MSE A 17 -10.72 18.73 13.93
C MSE A 17 -10.53 20.20 13.57
O MSE A 17 -11.48 20.98 13.56
CB MSE A 17 -12.20 18.35 13.84
CG MSE A 17 -12.46 16.84 13.97
SE MSE A 17 -11.33 15.76 12.85
CE MSE A 17 -12.38 15.72 11.25
N PHE A 18 -9.29 20.55 13.29
CA PHE A 18 -8.93 21.91 12.88
C PHE A 18 -9.93 22.32 11.79
N PRO A 19 -10.45 23.56 11.84
CA PRO A 19 -11.43 24.11 10.89
C PRO A 19 -11.08 24.05 9.40
N LEU A 20 -11.98 23.51 8.60
CA LEU A 20 -11.75 23.48 7.17
C LEU A 20 -11.78 24.94 6.70
N GLY A 21 -10.86 25.30 5.82
CA GLY A 21 -10.80 26.66 5.32
C GLY A 21 -9.85 27.57 6.06
N LYS A 22 -9.44 27.18 7.26
CA LYS A 22 -8.54 27.99 8.05
C LYS A 22 -7.10 27.88 7.58
N GLN A 23 -6.39 29.00 7.60
CA GLN A 23 -5.00 29.07 7.17
C GLN A 23 -4.07 28.24 8.06
N ALA A 24 -3.12 27.55 7.45
CA ALA A 24 -2.17 26.77 8.23
C ALA A 24 -1.38 27.75 9.09
N PRO A 25 -1.31 27.52 10.40
CA PRO A 25 -0.56 28.42 11.28
C PRO A 25 0.93 28.41 10.94
N PRO A 26 1.63 29.52 11.22
CA PRO A 26 3.05 29.55 10.89
C PRO A 26 3.89 28.63 11.77
N PHE A 27 5.10 28.36 11.31
CA PHE A 27 6.05 27.56 12.07
C PHE A 27 7.45 27.72 11.51
N ALA A 28 8.42 27.69 12.41
CA ALA A 28 9.83 27.80 12.07
C ALA A 28 10.46 26.86 13.06
N LEU A 29 10.77 25.65 12.61
CA LEU A 29 11.32 24.64 13.51
C LEU A 29 12.50 23.90 12.94
N THR A 30 13.36 23.44 13.83
CA THR A 30 14.55 22.69 13.42
C THR A 30 14.22 21.28 12.98
N ASN A 31 14.78 20.91 11.82
CA ASN A 31 14.64 19.59 11.24
C ASN A 31 15.80 18.78 11.82
N VAL A 32 15.50 17.70 12.52
CA VAL A 32 16.55 16.90 13.14
C VAL A 32 17.41 16.13 12.16
N ILE A 33 16.91 15.93 10.95
CA ILE A 33 17.67 15.17 9.96
C ILE A 33 18.93 15.89 9.50
N ASP A 34 18.86 17.21 9.31
CA ASP A 34 20.04 17.95 8.88
C ASP A 34 20.36 19.17 9.74
N GLY A 35 19.50 19.47 10.70
CA GLY A 35 19.71 20.61 11.58
C GLY A 35 19.23 21.94 11.03
N ASN A 36 18.58 21.93 9.88
CA ASN A 36 18.09 23.16 9.26
C ASN A 36 16.79 23.63 9.88
N VAL A 37 16.61 24.95 9.96
CA VAL A 37 15.36 25.49 10.47
C VAL A 37 14.44 25.53 9.25
N VAL A 38 13.31 24.82 9.34
CA VAL A 38 12.35 24.76 8.25
C VAL A 38 11.10 25.58 8.59
N ARG A 39 10.63 26.36 7.63
CA ARG A 39 9.44 27.20 7.83
C ARG A 39 8.27 26.79 6.95
N LEU A 40 7.08 27.21 7.36
CA LEU A 40 5.86 26.89 6.61
C LEU A 40 6.04 27.31 5.16
N GLU A 41 6.60 28.49 4.94
CA GLU A 41 6.82 29.00 3.59
C GLU A 41 7.69 28.04 2.77
N ASP A 42 8.56 27.29 3.43
CA ASP A 42 9.45 26.36 2.74
C ASP A 42 8.74 25.10 2.24
N VAL A 43 7.56 24.82 2.77
CA VAL A 43 6.81 23.64 2.37
C VAL A 43 5.51 23.96 1.62
N LYS A 44 5.29 25.24 1.31
CA LYS A 44 4.09 25.62 0.58
C LYS A 44 4.21 24.92 -0.78
N SER A 45 3.12 24.29 -1.22
CA SER A 45 3.10 23.54 -2.48
C SER A 45 2.11 24.10 -3.49
N ASP A 46 2.29 23.73 -4.76
CA ASP A 46 1.41 24.18 -5.81
C ASP A 46 0.12 23.36 -5.78
N ALA A 47 0.15 22.26 -5.04
CA ALA A 47 -1.03 21.39 -4.95
C ALA A 47 -1.48 21.13 -3.53
N ALA A 48 -0.62 20.53 -2.71
CA ALA A 48 -1.00 20.22 -1.34
C ALA A 48 0.18 20.09 -0.41
N THR A 49 -0.07 20.40 0.86
CA THR A 49 0.94 20.31 1.91
C THR A 49 0.36 19.45 3.01
N VAL A 50 1.02 18.34 3.32
CA VAL A 50 0.57 17.42 4.36
C VAL A 50 1.42 17.60 5.61
N ILE A 51 0.77 17.93 6.72
CA ILE A 51 1.48 18.11 7.99
C ILE A 51 1.03 16.99 8.93
N MSE A 52 2.00 16.33 9.54
CA MSE A 52 1.71 15.20 10.41
C MSE A 52 2.35 15.34 11.79
O MSE A 52 3.56 15.51 11.91
CB MSE A 52 2.23 13.92 9.75
CG MSE A 52 1.92 13.80 8.24
SE MSE A 52 2.93 12.49 7.28
CE MSE A 52 4.57 13.45 7.08
N PHE A 53 1.53 15.26 12.83
CA PHE A 53 2.03 15.34 14.19
C PHE A 53 2.19 13.91 14.68
N ILE A 54 3.42 13.53 14.99
CA ILE A 54 3.70 12.17 15.43
C ILE A 54 4.70 12.16 16.58
N CYS A 55 5.17 10.97 16.93
CA CYS A 55 6.17 10.81 17.98
C CYS A 55 6.87 9.48 17.73
N ASN A 56 7.76 9.08 18.65
CA ASN A 56 8.50 7.83 18.44
C ASN A 56 8.07 6.61 19.23
N HIS A 57 7.29 6.78 20.27
CA HIS A 57 6.87 5.65 21.09
C HIS A 57 5.37 5.68 21.38
N CYS A 58 4.58 5.40 20.36
CA CYS A 58 3.12 5.38 20.45
C CYS A 58 2.67 4.25 19.53
N PRO A 59 1.80 3.35 20.04
CA PRO A 59 1.36 2.25 19.17
C PRO A 59 0.57 2.68 17.95
N PHE A 60 -0.10 3.83 18.04
CA PHE A 60 -0.89 4.33 16.92
C PHE A 60 0.03 4.90 15.84
N VAL A 61 1.19 5.40 16.24
CA VAL A 61 2.15 5.91 15.28
C VAL A 61 2.87 4.71 14.65
N LYS A 62 3.24 3.72 15.47
CA LYS A 62 3.92 2.54 14.94
C LYS A 62 3.05 1.86 13.89
N HIS A 63 1.75 1.98 14.09
CA HIS A 63 0.78 1.38 13.18
C HIS A 63 0.85 1.97 11.78
N VAL A 64 1.16 3.27 11.69
CA VAL A 64 1.19 3.96 10.40
C VAL A 64 2.56 4.33 9.83
N GLN A 65 3.62 4.15 10.60
CA GLN A 65 4.96 4.53 10.15
C GLN A 65 5.38 4.07 8.76
N HIS A 66 5.16 2.79 8.47
CA HIS A 66 5.52 2.23 7.17
C HIS A 66 4.76 2.91 6.03
N GLU A 67 3.47 3.16 6.24
CA GLU A 67 2.64 3.80 5.21
C GLU A 67 3.05 5.26 5.01
N LEU A 68 3.50 5.91 6.07
CA LEU A 68 3.91 7.31 5.94
C LEU A 68 5.01 7.43 4.89
N VAL A 69 5.91 6.46 4.89
CA VAL A 69 7.01 6.46 3.93
C VAL A 69 6.51 6.09 2.55
N ARG A 70 5.66 5.07 2.47
CA ARG A 70 5.12 4.65 1.18
C ARG A 70 4.33 5.80 0.57
N LEU A 71 3.51 6.46 1.38
CA LEU A 71 2.68 7.57 0.92
C LEU A 71 3.51 8.75 0.42
N ALA A 72 4.52 9.14 1.20
CA ALA A 72 5.36 10.26 0.80
C ALA A 72 6.14 9.93 -0.48
N ASN A 73 6.63 8.71 -0.59
CA ASN A 73 7.37 8.32 -1.78
C ASN A 73 6.48 8.34 -3.01
N ASP A 74 5.19 8.06 -2.83
CA ASP A 74 4.25 8.06 -3.95
C ASP A 74 3.84 9.48 -4.35
N TYR A 75 3.71 10.37 -3.37
CA TYR A 75 3.24 11.72 -3.71
C TYR A 75 4.21 12.87 -3.74
N MSE A 76 5.37 12.75 -3.09
CA MSE A 76 6.32 13.85 -3.16
C MSE A 76 6.73 14.08 -4.63
O MSE A 76 6.88 15.22 -5.06
CB MSE A 76 7.54 13.57 -2.28
CG MSE A 76 7.24 13.80 -0.79
SE MSE A 76 8.66 13.49 0.44
CE MSE A 76 9.73 15.03 0.08
N PRO A 77 6.88 13.00 -5.42
CA PRO A 77 7.26 13.21 -6.82
C PRO A 77 6.17 13.95 -7.62
N LYS A 78 4.95 13.93 -7.11
CA LYS A 78 3.82 14.58 -7.76
C LYS A 78 3.72 16.04 -7.34
N GLY A 79 4.65 16.48 -6.50
CA GLY A 79 4.66 17.86 -6.04
C GLY A 79 4.04 18.12 -4.68
N VAL A 80 3.59 17.07 -4.01
CA VAL A 80 3.00 17.24 -2.69
C VAL A 80 4.08 17.33 -1.61
N SER A 81 3.93 18.28 -0.70
CA SER A 81 4.90 18.47 0.38
C SER A 81 4.47 17.72 1.64
N PHE A 82 5.43 17.12 2.33
CA PHE A 82 5.17 16.38 3.56
C PHE A 82 6.07 16.90 4.68
N VAL A 83 5.51 17.01 5.88
CA VAL A 83 6.27 17.47 7.03
C VAL A 83 5.77 16.76 8.28
N ALA A 84 6.69 16.19 9.03
CA ALA A 84 6.35 15.51 10.29
C ALA A 84 6.84 16.39 11.43
N ILE A 85 6.01 16.54 12.46
CA ILE A 85 6.36 17.36 13.60
C ILE A 85 6.16 16.58 14.90
N ASN A 86 7.15 16.65 15.78
CA ASN A 86 7.10 15.98 17.07
C ASN A 86 7.06 17.09 18.14
N SER A 87 5.93 17.21 18.83
CA SER A 87 5.76 18.24 19.85
C SER A 87 5.83 17.72 21.28
N ASN A 88 6.03 16.42 21.43
CA ASN A 88 6.08 15.84 22.77
C ASN A 88 7.23 16.35 23.65
N ASP A 89 6.92 16.57 24.92
CA ASP A 89 7.91 17.04 25.88
C ASP A 89 8.96 15.94 26.07
N ALA A 90 10.15 16.18 25.55
CA ALA A 90 11.25 15.21 25.62
C ALA A 90 11.78 14.99 27.03
N GLU A 91 11.40 15.84 27.97
CA GLU A 91 11.85 15.65 29.34
C GLU A 91 10.98 14.58 29.99
N GLN A 92 9.72 14.48 29.55
CA GLN A 92 8.82 13.47 30.10
C GLN A 92 8.96 12.19 29.28
N TYR A 93 9.23 12.36 27.98
CA TYR A 93 9.37 11.23 27.08
C TYR A 93 10.69 11.34 26.31
N PRO A 94 11.79 10.86 26.91
CA PRO A 94 13.13 10.90 26.32
C PRO A 94 13.20 10.36 24.90
N GLU A 95 12.33 9.41 24.56
CA GLU A 95 12.33 8.84 23.21
C GLU A 95 11.99 9.88 22.15
N ASP A 96 11.46 11.03 22.57
CA ASP A 96 11.10 12.07 21.62
C ASP A 96 12.09 13.23 21.56
N SER A 97 13.27 13.03 22.14
CA SER A 97 14.31 14.05 22.10
C SER A 97 14.75 14.21 20.66
N PRO A 98 15.32 15.36 20.30
CA PRO A 98 15.76 15.55 18.92
C PRO A 98 16.79 14.50 18.48
N GLU A 99 17.69 14.13 19.37
CA GLU A 99 18.70 13.13 19.04
C GLU A 99 18.06 11.79 18.69
N ASN A 100 17.07 11.38 19.46
CA ASN A 100 16.37 10.13 19.20
C ASN A 100 15.51 10.24 17.94
N MSE A 101 14.95 11.42 17.72
CA MSE A 101 14.13 11.65 16.53
C MSE A 101 15.00 11.43 15.30
O MSE A 101 14.57 10.83 14.32
CB MSE A 101 13.58 13.08 16.52
CG MSE A 101 12.49 13.35 17.54
SE MSE A 101 12.04 15.20 17.65
CE MSE A 101 11.51 15.45 15.84
N LYS A 102 16.24 11.92 15.37
CA LYS A 102 17.15 11.78 14.25
C LYS A 102 17.42 10.31 13.95
N LYS A 103 17.68 9.54 14.99
CA LYS A 103 17.94 8.11 14.83
C LYS A 103 16.75 7.40 14.20
N VAL A 104 15.55 7.72 14.67
CA VAL A 104 14.35 7.11 14.14
C VAL A 104 14.15 7.44 12.66
N ALA A 105 14.35 8.71 12.31
CA ALA A 105 14.18 9.12 10.91
C ALA A 105 15.14 8.35 10.01
N GLU A 106 16.35 8.11 10.50
CA GLU A 106 17.35 7.38 9.73
C GLU A 106 16.97 5.90 9.61
N GLU A 107 16.51 5.32 10.72
CA GLU A 107 16.13 3.90 10.72
C GLU A 107 14.94 3.61 9.81
N LEU A 108 13.95 4.51 9.82
CA LEU A 108 12.77 4.30 9.00
C LEU A 108 12.90 4.94 7.62
N GLY A 109 13.97 5.71 7.44
CA GLY A 109 14.18 6.36 6.17
C GLY A 109 13.12 7.40 5.81
N TYR A 110 12.74 8.22 6.78
CA TYR A 110 11.75 9.25 6.53
C TYR A 110 12.27 10.16 5.41
N PRO A 111 11.50 10.30 4.32
CA PRO A 111 11.90 11.14 3.19
C PRO A 111 11.48 12.59 3.33
N PHE A 112 10.82 12.91 4.45
CA PHE A 112 10.34 14.25 4.71
C PHE A 112 11.02 14.80 5.97
N PRO A 113 10.99 16.13 6.16
CA PRO A 113 11.62 16.71 7.35
C PRO A 113 10.90 16.25 8.62
N TYR A 114 11.66 16.11 9.70
CA TYR A 114 11.10 15.71 10.99
C TYR A 114 11.49 16.84 11.94
N LEU A 115 10.55 17.73 12.20
CA LEU A 115 10.83 18.89 13.04
C LEU A 115 10.40 18.72 14.50
N TYR A 116 11.16 19.32 15.41
CA TYR A 116 10.80 19.27 16.82
C TYR A 116 10.25 20.62 17.25
N ASP A 117 9.07 20.57 17.87
CA ASP A 117 8.34 21.74 18.37
C ASP A 117 8.49 21.72 19.88
N GLU A 118 9.63 22.19 20.38
CA GLU A 118 9.91 22.17 21.81
C GLU A 118 8.95 23.01 22.65
N THR A 119 8.58 24.20 22.18
CA THR A 119 7.68 25.04 22.96
C THR A 119 6.24 24.55 22.92
N GLN A 120 5.92 23.73 21.92
CA GLN A 120 4.58 23.19 21.74
C GLN A 120 3.60 24.24 21.25
N GLU A 121 4.13 25.41 20.91
CA GLU A 121 3.31 26.50 20.41
C GLU A 121 2.73 26.16 19.03
N VAL A 122 3.46 25.37 18.25
CA VAL A 122 2.96 25.01 16.93
C VAL A 122 1.82 23.98 17.07
N ALA A 123 1.98 23.03 17.96
CA ALA A 123 0.94 22.02 18.17
C ALA A 123 -0.34 22.71 18.66
N LYS A 124 -0.18 23.67 19.56
CA LYS A 124 -1.35 24.38 20.07
C LYS A 124 -2.03 25.18 18.97
N ALA A 125 -1.23 25.79 18.09
CA ALA A 125 -1.77 26.59 16.99
C ALA A 125 -2.55 25.74 15.99
N TYR A 126 -2.08 24.52 15.75
CA TYR A 126 -2.77 23.62 14.81
C TYR A 126 -3.82 22.83 15.57
N ASP A 127 -3.87 23.06 16.88
CA ASP A 127 -4.79 22.37 17.77
C ASP A 127 -4.62 20.87 17.61
N ALA A 128 -3.38 20.44 17.42
CA ALA A 128 -3.07 19.02 17.30
C ALA A 128 -3.44 18.40 18.64
N ALA A 129 -3.98 17.19 18.65
CA ALA A 129 -4.39 16.57 19.90
C ALA A 129 -3.75 15.24 20.19
N CYS A 130 -3.50 14.47 19.14
CA CYS A 130 -2.93 13.15 19.29
C CYS A 130 -1.82 12.85 18.30
N THR A 131 -1.22 11.68 18.46
CA THR A 131 -0.18 11.22 17.56
C THR A 131 -0.64 9.85 17.08
N PRO A 132 -0.83 9.68 15.77
CA PRO A 132 -0.64 10.67 14.71
C PRO A 132 -1.88 11.54 14.47
N ASP A 133 -1.65 12.78 14.03
CA ASP A 133 -2.75 13.70 13.71
C ASP A 133 -2.38 14.25 12.33
N PHE A 134 -3.29 14.09 11.37
CA PHE A 134 -3.03 14.52 9.99
C PHE A 134 -3.77 15.75 9.49
N TYR A 135 -3.05 16.55 8.69
CA TYR A 135 -3.59 17.78 8.12
C TYR A 135 -3.17 17.91 6.66
N ILE A 136 -4.06 18.42 5.83
CA ILE A 136 -3.73 18.66 4.42
C ILE A 136 -4.21 20.08 4.11
N PHE A 137 -3.33 20.89 3.51
CA PHE A 137 -3.65 22.27 3.15
C PHE A 137 -3.46 22.44 1.66
N ASP A 138 -4.27 23.28 1.03
CA ASP A 138 -4.15 23.46 -0.41
C ASP A 138 -3.07 24.47 -0.82
N ARG A 139 -3.01 24.78 -2.12
CA ARG A 139 -2.01 25.70 -2.64
C ARG A 139 -2.02 27.06 -1.94
N ASP A 140 -3.17 27.43 -1.38
CA ASP A 140 -3.28 28.69 -0.68
C ASP A 140 -3.15 28.52 0.83
N LEU A 141 -2.70 27.33 1.23
CA LEU A 141 -2.50 26.97 2.63
C LEU A 141 -3.77 26.96 3.47
N LYS A 142 -4.89 26.66 2.83
CA LYS A 142 -6.16 26.58 3.54
C LYS A 142 -6.39 25.10 3.83
N CYS A 143 -6.88 24.80 5.02
CA CYS A 143 -7.13 23.41 5.40
C CYS A 143 -8.28 22.81 4.60
N VAL A 144 -7.99 21.71 3.91
CA VAL A 144 -9.00 21.02 3.11
C VAL A 144 -9.27 19.61 3.60
N TYR A 145 -8.44 19.15 4.54
CA TYR A 145 -8.60 17.82 5.14
C TYR A 145 -7.86 17.72 6.48
N ARG A 146 -8.49 17.02 7.42
CA ARG A 146 -7.85 16.77 8.71
C ARG A 146 -8.50 15.52 9.28
N GLY A 147 -7.71 14.72 9.97
CA GLY A 147 -8.24 13.51 10.56
C GLY A 147 -7.34 12.30 10.40
N GLN A 148 -7.97 11.15 10.19
CA GLN A 148 -7.28 9.87 10.06
C GLN A 148 -6.49 9.66 8.76
N LEU A 149 -5.60 8.68 8.80
CA LEU A 149 -4.81 8.30 7.63
C LEU A 149 -5.70 7.45 6.75
N ASP A 150 -6.45 6.56 7.41
CA ASP A 150 -7.39 5.66 6.76
C ASP A 150 -8.22 5.00 7.86
N ASP A 151 -9.06 4.03 7.49
CA ASP A 151 -9.93 3.35 8.46
C ASP A 151 -9.20 2.37 9.38
N SER A 152 -8.00 1.93 9.01
CA SER A 152 -7.29 0.97 9.83
C SER A 152 -6.93 1.52 11.22
N ARG A 153 -6.90 0.61 12.19
CA ARG A 153 -6.58 0.94 13.58
C ARG A 153 -5.84 -0.27 14.13
N PRO A 154 -4.99 -0.08 15.16
CA PRO A 154 -4.27 -1.21 15.72
C PRO A 154 -5.18 -2.36 16.15
N ASN A 155 -6.42 -2.04 16.51
CA ASN A 155 -7.35 -3.06 16.97
C ASN A 155 -8.41 -3.58 16.01
N ASN A 156 -8.38 -3.20 14.73
CA ASN A 156 -9.43 -3.70 13.84
C ASN A 156 -9.11 -4.65 12.68
N GLY A 157 -7.84 -4.92 12.40
CA GLY A 157 -7.53 -5.85 11.32
C GLY A 157 -7.62 -5.36 9.87
N ILE A 158 -8.08 -4.13 9.66
CA ILE A 158 -8.16 -3.58 8.31
C ILE A 158 -6.73 -3.29 7.88
N PRO A 159 -6.32 -3.75 6.68
CA PRO A 159 -4.95 -3.45 6.29
C PRO A 159 -4.72 -1.95 6.11
N VAL A 160 -3.50 -1.50 6.41
CA VAL A 160 -3.15 -0.10 6.27
C VAL A 160 -3.01 0.20 4.78
N THR A 161 -3.64 1.29 4.33
CA THR A 161 -3.61 1.67 2.92
C THR A 161 -3.35 3.16 2.67
N GLY A 162 -3.64 4.00 3.66
CA GLY A 162 -3.47 5.43 3.51
C GLY A 162 -4.55 6.01 2.61
N GLU A 163 -5.60 5.22 2.38
CA GLU A 163 -6.69 5.60 1.48
C GLU A 163 -7.33 6.98 1.67
N SER A 164 -7.60 7.36 2.92
CA SER A 164 -8.24 8.65 3.15
C SER A 164 -7.40 9.82 2.67
N ILE A 165 -6.11 9.81 2.98
CA ILE A 165 -5.22 10.89 2.54
C ILE A 165 -4.96 10.79 1.04
N ARG A 166 -4.82 9.57 0.53
CA ARG A 166 -4.57 9.36 -0.90
C ARG A 166 -5.73 9.91 -1.72
N ALA A 167 -6.96 9.68 -1.27
CA ALA A 167 -8.13 10.17 -1.98
C ALA A 167 -8.19 11.69 -1.97
N ALA A 168 -7.78 12.29 -0.85
CA ALA A 168 -7.80 13.75 -0.73
C ALA A 168 -6.76 14.37 -1.65
N LEU A 169 -5.57 13.76 -1.67
CA LEU A 169 -4.48 14.25 -2.50
C LEU A 169 -4.82 14.12 -3.98
N ASP A 170 -5.41 12.98 -4.36
CA ASP A 170 -5.79 12.78 -5.76
C ASP A 170 -6.78 13.85 -6.19
N ALA A 171 -7.75 14.14 -5.32
CA ALA A 171 -8.76 15.15 -5.61
C ALA A 171 -8.09 16.51 -5.80
N LEU A 172 -7.17 16.84 -4.90
CA LEU A 172 -6.44 18.11 -4.98
C LEU A 172 -5.59 18.23 -6.24
N LEU A 173 -4.99 17.13 -6.67
CA LEU A 173 -4.16 17.13 -7.86
C LEU A 173 -4.99 17.16 -9.14
N GLU A 174 -6.24 16.70 -9.05
CA GLU A 174 -7.12 16.68 -10.22
C GLU A 174 -8.09 17.86 -10.28
N GLY A 175 -8.07 18.69 -9.25
CA GLY A 175 -8.95 19.85 -9.22
C GLY A 175 -10.37 19.54 -8.81
N ARG A 176 -10.56 18.46 -8.07
CA ARG A 176 -11.87 18.05 -7.60
C ARG A 176 -11.96 18.31 -6.10
N PRO A 177 -13.19 18.45 -5.57
CA PRO A 177 -13.35 18.71 -4.13
C PRO A 177 -12.90 17.50 -3.31
N VAL A 178 -12.24 17.76 -2.18
CA VAL A 178 -11.81 16.67 -1.32
C VAL A 178 -13.07 15.99 -0.80
N PRO A 179 -13.07 14.65 -0.71
CA PRO A 179 -14.27 13.98 -0.22
C PRO A 179 -14.76 14.62 1.08
N GLU A 180 -16.07 14.77 1.22
CA GLU A 180 -16.65 15.39 2.40
C GLU A 180 -16.47 14.62 3.69
N LYS A 181 -16.55 13.31 3.61
CA LYS A 181 -16.41 12.49 4.80
C LYS A 181 -14.99 12.53 5.36
N GLN A 182 -14.85 13.15 6.54
CA GLN A 182 -13.55 13.24 7.20
C GLN A 182 -13.71 12.82 8.64
N LYS A 183 -13.06 11.71 9.00
CA LYS A 183 -13.14 11.15 10.34
C LYS A 183 -11.89 11.47 11.16
N PRO A 184 -12.07 11.71 12.47
CA PRO A 184 -10.94 12.04 13.35
C PRO A 184 -9.91 10.92 13.47
N SER A 185 -8.68 11.29 13.76
CA SER A 185 -7.62 10.31 13.96
C SER A 185 -7.70 10.01 15.46
N ILE A 186 -6.98 8.99 15.90
CA ILE A 186 -6.94 8.64 17.30
C ILE A 186 -5.53 8.16 17.59
N GLY A 187 -5.07 8.41 18.81
CA GLY A 187 -3.72 8.00 19.18
C GLY A 187 -3.38 8.49 20.57
N CYS A 188 -2.11 8.39 20.93
CA CYS A 188 -1.66 8.86 22.24
C CYS A 188 -1.77 10.37 22.29
N SER A 189 -2.11 10.89 23.46
CA SER A 189 -2.22 12.32 23.58
C SER A 189 -0.83 12.93 23.40
N ILE A 190 -0.79 14.12 22.82
CA ILE A 190 0.48 14.82 22.67
C ILE A 190 0.89 15.05 24.12
N LYS A 191 2.17 14.89 24.42
CA LYS A 191 2.66 15.05 25.79
C LYS A 191 2.96 16.49 26.13
N TRP A 192 1.94 17.20 26.57
CA TRP A 192 2.04 18.59 26.92
C TRP A 192 2.91 18.88 28.14
N LYS A 193 3.60 20.02 28.09
CA LYS A 193 4.44 20.45 29.20
C LYS A 193 3.46 21.06 30.20
N PRO A 194 3.90 21.26 31.46
CA PRO A 194 3.01 21.85 32.46
C PRO A 194 2.50 23.21 32.00
N SER A 195 1.26 23.52 32.34
CA SER A 195 0.66 24.79 31.98
C SER A 195 1.44 25.93 32.61
N ALA A 196 1.84 26.89 31.79
CA ALA A 196 2.61 28.03 32.28
C ALA A 196 1.72 29.27 32.30
N LEU B 8 9.41 -5.41 -34.62
CA LEU B 8 10.32 -5.28 -33.45
C LEU B 8 9.55 -5.40 -32.13
N GLY B 9 9.79 -6.48 -31.39
CA GLY B 9 9.10 -6.67 -30.13
C GLY B 9 7.71 -7.22 -30.33
N MSE B 10 6.95 -7.33 -29.25
CA MSE B 10 5.60 -7.86 -29.32
C MSE B 10 4.61 -6.96 -28.59
O MSE B 10 4.97 -6.35 -27.59
CB MSE B 10 5.55 -9.25 -28.68
CG MSE B 10 6.41 -10.29 -29.35
SE MSE B 10 6.41 -11.93 -28.34
CE MSE B 10 7.84 -11.50 -27.13
N PRO B 11 3.38 -6.86 -29.10
CA PRO B 11 2.37 -6.01 -28.47
C PRO B 11 1.88 -6.59 -27.15
N ALA B 12 1.40 -5.73 -26.26
CA ALA B 12 0.90 -6.19 -24.98
C ALA B 12 -0.49 -6.79 -25.25
N VAL B 13 -0.94 -7.69 -24.39
CA VAL B 13 -2.25 -8.32 -24.57
C VAL B 13 -3.05 -8.21 -23.27
N GLU B 14 -4.38 -8.27 -23.38
CA GLU B 14 -5.24 -8.15 -22.21
C GLU B 14 -5.86 -9.49 -21.79
N SER B 15 -6.35 -9.54 -20.55
CA SER B 15 -6.99 -10.74 -20.03
C SER B 15 -8.13 -11.18 -20.95
N ASN B 16 -8.39 -12.48 -21.01
CA ASN B 16 -9.47 -13.02 -21.82
C ASN B 16 -10.76 -12.98 -21.02
N MSE B 17 -10.62 -12.76 -19.71
CA MSE B 17 -11.74 -12.69 -18.78
C MSE B 17 -12.49 -14.00 -18.61
O MSE B 17 -13.62 -14.17 -19.07
CB MSE B 17 -12.70 -11.57 -19.18
CG MSE B 17 -12.08 -10.17 -19.16
SE MSE B 17 -11.14 -9.67 -17.53
CE MSE B 17 -12.63 -8.97 -16.51
N PHE B 18 -11.81 -14.93 -17.93
CA PHE B 18 -12.34 -16.26 -17.61
C PHE B 18 -13.76 -16.07 -17.08
N PRO B 19 -14.71 -16.92 -17.50
CA PRO B 19 -16.11 -16.85 -17.09
C PRO B 19 -16.37 -16.92 -15.58
N LEU B 20 -17.15 -15.98 -15.07
CA LEU B 20 -17.49 -16.00 -13.65
C LEU B 20 -18.32 -17.26 -13.43
N GLY B 21 -18.08 -17.92 -12.31
CA GLY B 21 -18.81 -19.13 -11.98
C GLY B 21 -18.13 -20.40 -12.43
N LYS B 22 -17.20 -20.29 -13.37
CA LYS B 22 -16.51 -21.48 -13.86
C LYS B 22 -15.51 -22.01 -12.84
N GLN B 23 -15.41 -23.33 -12.78
CA GLN B 23 -14.51 -24.04 -11.85
C GLN B 23 -13.04 -23.86 -12.22
N ALA B 24 -12.21 -23.66 -11.21
CA ALA B 24 -10.78 -23.51 -11.41
C ALA B 24 -10.25 -24.82 -11.96
N PRO B 25 -9.59 -24.79 -13.13
CA PRO B 25 -9.06 -26.04 -13.69
C PRO B 25 -8.01 -26.65 -12.76
N PRO B 26 -7.90 -27.98 -12.75
CA PRO B 26 -6.92 -28.63 -11.89
C PRO B 26 -5.49 -28.35 -12.31
N PHE B 27 -4.56 -28.57 -11.40
CA PHE B 27 -3.14 -28.40 -11.68
C PHE B 27 -2.31 -29.09 -10.62
N ALA B 28 -1.18 -29.62 -11.05
CA ALA B 28 -0.23 -30.30 -10.19
C ALA B 28 1.09 -29.85 -10.78
N LEU B 29 1.73 -28.89 -10.11
CA LEU B 29 2.97 -28.34 -10.62
C LEU B 29 4.05 -28.21 -9.57
N THR B 30 5.30 -28.25 -10.02
CA THR B 30 6.43 -28.11 -9.13
C THR B 30 6.66 -26.68 -8.68
N ASN B 31 6.80 -26.51 -7.37
CA ASN B 31 7.07 -25.21 -6.76
C ASN B 31 8.60 -25.09 -6.75
N VAL B 32 9.12 -24.09 -7.44
CA VAL B 32 10.56 -23.92 -7.50
C VAL B 32 11.22 -23.53 -6.18
N ILE B 33 10.43 -22.99 -5.26
CA ILE B 33 10.97 -22.57 -3.99
C ILE B 33 11.50 -23.74 -3.13
N ASP B 34 10.77 -24.86 -3.12
CA ASP B 34 11.22 -26.00 -2.32
C ASP B 34 11.21 -27.34 -3.07
N GLY B 35 10.82 -27.29 -4.34
CA GLY B 35 10.78 -28.50 -5.15
C GLY B 35 9.57 -29.42 -4.99
N ASN B 36 8.63 -29.06 -4.12
CA ASN B 36 7.44 -29.89 -3.92
C ASN B 36 6.45 -29.71 -5.07
N VAL B 37 5.70 -30.77 -5.38
CA VAL B 37 4.67 -30.67 -6.41
C VAL B 37 3.43 -30.18 -5.65
N VAL B 38 2.90 -29.05 -6.10
CA VAL B 38 1.72 -28.46 -5.46
C VAL B 38 0.49 -28.61 -6.33
N ARG B 39 -0.61 -29.02 -5.72
CA ARG B 39 -1.86 -29.21 -6.45
C ARG B 39 -2.93 -28.20 -6.03
N LEU B 40 -3.88 -27.96 -6.92
CA LEU B 40 -4.97 -27.03 -6.63
C LEU B 40 -5.60 -27.36 -5.29
N GLU B 41 -5.76 -28.65 -5.01
CA GLU B 41 -6.37 -29.07 -3.76
C GLU B 41 -5.54 -28.67 -2.54
N ASP B 42 -4.24 -28.51 -2.71
CA ASP B 42 -3.37 -28.13 -1.60
C ASP B 42 -3.50 -26.65 -1.23
N VAL B 43 -3.90 -25.83 -2.20
CA VAL B 43 -4.04 -24.40 -1.96
C VAL B 43 -5.49 -23.94 -1.84
N LYS B 44 -6.44 -24.87 -1.95
CA LYS B 44 -7.85 -24.52 -1.84
C LYS B 44 -8.06 -23.84 -0.48
N SER B 45 -8.57 -22.61 -0.52
CA SER B 45 -8.83 -21.85 0.70
C SER B 45 -10.29 -21.90 1.08
N ASP B 46 -10.58 -21.69 2.35
CA ASP B 46 -11.95 -21.70 2.85
C ASP B 46 -12.66 -20.39 2.53
N ALA B 47 -11.89 -19.42 2.04
CA ALA B 47 -12.46 -18.11 1.72
C ALA B 47 -12.16 -17.68 0.29
N ALA B 48 -10.89 -17.68 -0.09
CA ALA B 48 -10.53 -17.26 -1.44
C ALA B 48 -9.16 -17.78 -1.86
N THR B 49 -9.05 -18.14 -3.14
CA THR B 49 -7.80 -18.64 -3.68
C THR B 49 -7.40 -17.71 -4.83
N VAL B 50 -6.25 -17.06 -4.71
CA VAL B 50 -5.80 -16.15 -5.76
C VAL B 50 -4.73 -16.82 -6.63
N ILE B 51 -5.01 -16.92 -7.93
CA ILE B 51 -4.07 -17.53 -8.85
C ILE B 51 -3.52 -16.43 -9.76
N MSE B 52 -2.20 -16.34 -9.84
CA MSE B 52 -1.57 -15.29 -10.63
C MSE B 52 -0.59 -15.84 -11.66
O MSE B 52 0.34 -16.57 -11.33
CB MSE B 52 -0.81 -14.35 -9.68
CG MSE B 52 -1.61 -13.91 -8.44
SE MSE B 52 -0.56 -13.04 -7.07
CE MSE B 52 0.25 -14.60 -6.29
N PHE B 53 -0.80 -15.50 -12.93
CA PHE B 53 0.11 -15.93 -13.98
C PHE B 53 1.09 -14.79 -14.21
N ILE B 54 2.37 -15.05 -13.97
CA ILE B 54 3.39 -14.03 -14.12
C ILE B 54 4.65 -14.60 -14.75
N CYS B 55 5.70 -13.78 -14.77
CA CYS B 55 6.99 -14.21 -15.31
C CYS B 55 8.05 -13.32 -14.67
N ASN B 56 9.31 -13.48 -15.09
CA ASN B 56 10.37 -12.70 -14.49
C ASN B 56 10.88 -11.47 -15.25
N HIS B 57 10.68 -11.42 -16.56
CA HIS B 57 11.14 -10.27 -17.35
C HIS B 57 10.04 -9.65 -18.19
N CYS B 58 9.11 -8.98 -17.52
CA CYS B 58 7.98 -8.29 -18.16
C CYS B 58 7.81 -6.98 -17.40
N PRO B 59 7.74 -5.85 -18.13
CA PRO B 59 7.59 -4.56 -17.44
C PRO B 59 6.29 -4.42 -16.65
N PHE B 60 5.25 -5.10 -17.11
CA PHE B 60 3.96 -5.06 -16.44
C PHE B 60 4.00 -5.87 -15.14
N VAL B 61 4.84 -6.90 -15.12
CA VAL B 61 4.99 -7.71 -13.90
C VAL B 61 5.88 -6.93 -12.92
N LYS B 62 6.95 -6.33 -13.44
CA LYS B 62 7.85 -5.57 -12.58
C LYS B 62 7.07 -4.45 -11.88
N HIS B 63 6.05 -3.95 -12.58
CA HIS B 63 5.20 -2.87 -12.05
C HIS B 63 4.44 -3.30 -10.79
N VAL B 64 4.03 -4.56 -10.73
CA VAL B 64 3.26 -5.05 -9.59
C VAL B 64 3.96 -5.96 -8.58
N GLN B 65 5.16 -6.43 -8.89
CA GLN B 65 5.88 -7.35 -8.00
C GLN B 65 5.87 -6.99 -6.52
N HIS B 66 6.17 -5.73 -6.21
CA HIS B 66 6.21 -5.25 -4.84
C HIS B 66 4.85 -5.35 -4.15
N GLU B 67 3.79 -5.00 -4.87
CA GLU B 67 2.45 -5.07 -4.31
C GLU B 67 2.00 -6.51 -4.11
N LEU B 68 2.47 -7.41 -4.96
CA LEU B 68 2.11 -8.82 -4.83
C LEU B 68 2.56 -9.32 -3.46
N VAL B 69 3.73 -8.87 -3.03
CA VAL B 69 4.26 -9.27 -1.73
C VAL B 69 3.48 -8.59 -0.61
N ARG B 70 3.23 -7.29 -0.75
CA ARG B 70 2.49 -6.56 0.26
C ARG B 70 1.07 -7.15 0.41
N LEU B 71 0.44 -7.43 -0.72
CA LEU B 71 -0.90 -7.99 -0.75
C LEU B 71 -0.96 -9.36 -0.06
N ALA B 72 -0.04 -10.24 -0.44
CA ALA B 72 -0.01 -11.57 0.13
C ALA B 72 0.26 -11.55 1.64
N ASN B 73 1.14 -10.66 2.09
CA ASN B 73 1.43 -10.59 3.51
C ASN B 73 0.24 -10.04 4.28
N ASP B 74 -0.60 -9.24 3.63
CA ASP B 74 -1.77 -8.70 4.28
C ASP B 74 -2.91 -9.73 4.35
N TYR B 75 -3.06 -10.52 3.29
CA TYR B 75 -4.17 -11.46 3.26
C TYR B 75 -3.94 -12.94 3.55
N MSE B 76 -2.70 -13.42 3.44
CA MSE B 76 -2.45 -14.81 3.76
C MSE B 76 -2.80 -15.06 5.25
O MSE B 76 -3.38 -16.09 5.59
CB MSE B 76 -0.99 -15.20 3.45
CG MSE B 76 -0.74 -15.39 1.94
SE MSE B 76 1.04 -15.83 1.38
CE MSE B 76 1.19 -17.51 2.27
N PRO B 77 -2.50 -14.09 6.14
CA PRO B 77 -2.84 -14.31 7.55
C PRO B 77 -4.34 -14.41 7.78
N LYS B 78 -5.13 -13.86 6.85
CA LYS B 78 -6.58 -13.88 6.94
C LYS B 78 -7.16 -15.18 6.35
N GLY B 79 -6.30 -16.05 5.85
CA GLY B 79 -6.76 -17.32 5.30
C GLY B 79 -6.85 -17.39 3.79
N VAL B 80 -6.44 -16.33 3.11
CA VAL B 80 -6.47 -16.31 1.66
C VAL B 80 -5.24 -17.01 1.12
N SER B 81 -5.44 -17.88 0.13
CA SER B 81 -4.32 -18.58 -0.49
C SER B 81 -3.89 -17.85 -1.75
N PHE B 82 -2.58 -17.87 -1.99
CA PHE B 82 -1.99 -17.21 -3.16
C PHE B 82 -1.08 -18.20 -3.88
N VAL B 83 -1.10 -18.18 -5.20
CA VAL B 83 -0.25 -19.06 -5.98
C VAL B 83 0.18 -18.32 -7.24
N ALA B 84 1.47 -18.34 -7.52
CA ALA B 84 2.00 -17.70 -8.73
C ALA B 84 2.41 -18.83 -9.66
N ILE B 85 2.10 -18.67 -10.94
CA ILE B 85 2.43 -19.69 -11.94
C ILE B 85 3.16 -19.04 -13.11
N ASN B 86 4.27 -19.64 -13.53
CA ASN B 86 5.03 -19.14 -14.67
C ASN B 86 4.93 -20.20 -15.76
N SER B 87 4.28 -19.86 -16.87
CA SER B 87 4.07 -20.80 -17.97
C SER B 87 4.93 -20.48 -19.20
N ASN B 88 5.73 -19.43 -19.13
CA ASN B 88 6.56 -19.07 -20.28
C ASN B 88 7.57 -20.14 -20.68
N ASP B 89 7.74 -20.30 -21.99
CA ASP B 89 8.70 -21.26 -22.53
C ASP B 89 10.10 -20.83 -22.13
N ALA B 90 10.69 -21.55 -21.18
CA ALA B 90 12.01 -21.25 -20.66
C ALA B 90 13.13 -21.41 -21.68
N GLU B 91 12.85 -22.06 -22.81
CA GLU B 91 13.87 -22.21 -23.84
C GLU B 91 13.96 -20.92 -24.64
N GLN B 92 12.81 -20.28 -24.82
CA GLN B 92 12.74 -19.03 -25.57
C GLN B 92 13.08 -17.86 -24.65
N TYR B 93 12.75 -18.01 -23.37
CA TYR B 93 12.99 -16.98 -22.37
C TYR B 93 13.65 -17.62 -21.15
N PRO B 94 14.98 -17.74 -21.19
CA PRO B 94 15.81 -18.34 -20.13
C PRO B 94 15.60 -17.76 -18.74
N GLU B 95 15.14 -16.51 -18.67
CA GLU B 95 14.91 -15.87 -17.37
C GLU B 95 13.73 -16.52 -16.65
N ASP B 96 12.92 -17.27 -17.40
CA ASP B 96 11.77 -17.93 -16.81
C ASP B 96 12.00 -19.41 -16.50
N SER B 97 13.25 -19.85 -16.55
CA SER B 97 13.58 -21.23 -16.24
C SER B 97 13.29 -21.43 -14.74
N PRO B 98 13.11 -22.69 -14.31
CA PRO B 98 12.84 -22.92 -12.89
C PRO B 98 13.97 -22.43 -11.99
N GLU B 99 15.21 -22.53 -12.47
CA GLU B 99 16.36 -22.09 -11.70
C GLU B 99 16.31 -20.59 -11.44
N ASN B 100 15.99 -19.80 -12.46
CA ASN B 100 15.92 -18.36 -12.30
C ASN B 100 14.68 -17.94 -11.52
N MSE B 101 13.61 -18.71 -11.66
CA MSE B 101 12.38 -18.42 -10.94
C MSE B 101 12.66 -18.52 -9.45
O MSE B 101 12.16 -17.74 -8.65
CB MSE B 101 11.29 -19.43 -11.30
CG MSE B 101 10.64 -19.17 -12.66
SE MSE B 101 9.57 -20.63 -13.20
CE MSE B 101 8.24 -20.54 -11.82
N LYS B 102 13.47 -19.52 -9.09
CA LYS B 102 13.82 -19.73 -7.70
C LYS B 102 14.62 -18.53 -7.18
N LYS B 103 15.57 -18.08 -7.98
CA LYS B 103 16.40 -16.94 -7.59
C LYS B 103 15.52 -15.69 -7.43
N VAL B 104 14.61 -15.47 -8.36
CA VAL B 104 13.73 -14.30 -8.29
C VAL B 104 12.84 -14.33 -7.05
N ALA B 105 12.30 -15.51 -6.74
CA ALA B 105 11.44 -15.66 -5.58
C ALA B 105 12.20 -15.28 -4.30
N GLU B 106 13.43 -15.74 -4.19
CA GLU B 106 14.25 -15.45 -3.01
C GLU B 106 14.60 -13.97 -2.94
N GLU B 107 14.96 -13.40 -4.08
CA GLU B 107 15.35 -11.99 -4.15
C GLU B 107 14.20 -11.07 -3.73
N LEU B 108 13.00 -11.37 -4.20
CA LEU B 108 11.83 -10.55 -3.89
C LEU B 108 11.13 -11.03 -2.62
N GLY B 109 11.48 -12.23 -2.17
CA GLY B 109 10.88 -12.79 -0.97
C GLY B 109 9.42 -13.15 -1.16
N TYR B 110 9.10 -13.81 -2.27
CA TYR B 110 7.72 -14.21 -2.53
C TYR B 110 7.28 -15.14 -1.39
N PRO B 111 6.18 -14.81 -0.72
CA PRO B 111 5.67 -15.63 0.39
C PRO B 111 4.71 -16.74 -0.03
N PHE B 112 4.45 -16.84 -1.34
CA PHE B 112 3.55 -17.85 -1.88
C PHE B 112 4.33 -18.77 -2.81
N PRO B 113 3.76 -19.93 -3.14
CA PRO B 113 4.50 -20.83 -4.04
C PRO B 113 4.62 -20.23 -5.44
N TYR B 114 5.68 -20.59 -6.13
CA TYR B 114 5.94 -20.13 -7.49
C TYR B 114 6.09 -21.40 -8.32
N LEU B 115 5.01 -21.75 -9.01
CA LEU B 115 4.98 -22.97 -9.82
C LEU B 115 5.34 -22.73 -11.29
N TYR B 116 6.02 -23.71 -11.89
CA TYR B 116 6.35 -23.63 -13.30
C TYR B 116 5.48 -24.62 -14.06
N ASP B 117 4.80 -24.11 -15.08
CA ASP B 117 3.89 -24.86 -15.94
C ASP B 117 4.59 -25.07 -17.29
N GLU B 118 5.49 -26.05 -17.33
CA GLU B 118 6.27 -26.33 -18.53
C GLU B 118 5.45 -26.70 -19.76
N THR B 119 4.43 -27.53 -19.60
CA THR B 119 3.64 -27.93 -20.76
C THR B 119 2.69 -26.82 -21.22
N GLN B 120 2.44 -25.87 -20.33
CA GLN B 120 1.54 -24.74 -20.60
C GLN B 120 0.08 -25.19 -20.64
N GLU B 121 -0.14 -26.45 -20.27
CA GLU B 121 -1.47 -27.02 -20.25
C GLU B 121 -2.35 -26.29 -19.24
N VAL B 122 -1.74 -25.81 -18.15
CA VAL B 122 -2.50 -25.10 -17.13
C VAL B 122 -2.89 -23.69 -17.60
N ALA B 123 -1.96 -23.00 -18.24
CA ALA B 123 -2.25 -21.65 -18.74
C ALA B 123 -3.41 -21.75 -19.73
N LYS B 124 -3.36 -22.72 -20.62
CA LYS B 124 -4.42 -22.90 -21.60
C LYS B 124 -5.76 -23.20 -20.96
N ALA B 125 -5.75 -24.01 -19.91
CA ALA B 125 -7.00 -24.37 -19.21
C ALA B 125 -7.64 -23.18 -18.50
N TYR B 126 -6.79 -22.28 -18.00
CA TYR B 126 -7.28 -21.08 -17.31
C TYR B 126 -7.50 -19.98 -18.33
N ASP B 127 -7.13 -20.26 -19.58
CA ASP B 127 -7.24 -19.30 -20.67
C ASP B 127 -6.47 -18.04 -20.30
N ALA B 128 -5.34 -18.23 -19.63
CA ALA B 128 -4.49 -17.11 -19.25
C ALA B 128 -3.95 -16.53 -20.54
N ALA B 129 -3.79 -15.21 -20.60
CA ALA B 129 -3.33 -14.58 -21.82
C ALA B 129 -2.08 -13.73 -21.68
N CYS B 130 -1.94 -13.08 -20.54
CA CYS B 130 -0.81 -12.20 -20.30
C CYS B 130 -0.22 -12.38 -18.91
N THR B 131 0.89 -11.67 -18.67
CA THR B 131 1.56 -11.68 -17.38
C THR B 131 1.64 -10.20 -17.03
N PRO B 132 1.07 -9.80 -15.88
CA PRO B 132 0.34 -10.63 -14.92
C PRO B 132 -1.14 -10.79 -15.28
N ASP B 133 -1.71 -11.94 -14.95
CA ASP B 133 -3.13 -12.21 -15.21
C ASP B 133 -3.63 -12.75 -13.87
N PHE B 134 -4.64 -12.09 -13.30
CA PHE B 134 -5.18 -12.46 -11.99
C PHE B 134 -6.53 -13.16 -11.97
N TYR B 135 -6.66 -14.12 -11.07
CA TYR B 135 -7.90 -14.88 -10.89
C TYR B 135 -8.17 -15.08 -9.40
N ILE B 136 -9.44 -15.00 -9.02
CA ILE B 136 -9.82 -15.27 -7.63
C ILE B 136 -10.97 -16.27 -7.67
N PHE B 137 -10.85 -17.34 -6.89
CA PHE B 137 -11.88 -18.38 -6.81
C PHE B 137 -12.41 -18.45 -5.37
N ASP B 138 -13.69 -18.81 -5.21
CA ASP B 138 -14.26 -18.89 -3.87
C ASP B 138 -14.01 -20.25 -3.22
N ARG B 139 -14.62 -20.47 -2.06
CA ARG B 139 -14.45 -21.72 -1.33
C ARG B 139 -14.77 -22.96 -2.16
N ASP B 140 -15.69 -22.82 -3.11
CA ASP B 140 -16.07 -23.95 -3.95
C ASP B 140 -15.28 -23.93 -5.26
N LEU B 141 -14.24 -23.10 -5.29
CA LEU B 141 -13.37 -22.97 -6.45
C LEU B 141 -14.05 -22.43 -7.72
N LYS B 142 -15.07 -21.60 -7.52
CA LYS B 142 -15.76 -20.98 -8.66
C LYS B 142 -15.17 -19.59 -8.81
N CYS B 143 -14.89 -19.18 -10.05
CA CYS B 143 -14.31 -17.87 -10.31
C CYS B 143 -15.26 -16.75 -9.92
N VAL B 144 -14.78 -15.85 -9.06
CA VAL B 144 -15.59 -14.73 -8.60
C VAL B 144 -14.98 -13.38 -9.00
N TYR B 145 -13.73 -13.40 -9.45
CA TYR B 145 -13.04 -12.20 -9.91
C TYR B 145 -11.90 -12.59 -10.84
N ARG B 146 -11.67 -11.76 -11.85
CA ARG B 146 -10.57 -11.99 -12.76
C ARG B 146 -10.26 -10.68 -13.47
N GLY B 147 -8.98 -10.45 -13.72
CA GLY B 147 -8.56 -9.24 -14.39
C GLY B 147 -7.38 -8.54 -13.73
N GLN B 148 -7.47 -7.21 -13.65
CA GLN B 148 -6.39 -6.39 -13.11
C GLN B 148 -6.22 -6.42 -11.59
N LEU B 149 -5.04 -5.97 -11.17
CA LEU B 149 -4.69 -5.88 -9.76
C LEU B 149 -5.32 -4.59 -9.23
N ASP B 150 -5.23 -3.55 -10.05
CA ASP B 150 -5.79 -2.23 -9.75
C ASP B 150 -5.70 -1.38 -11.02
N ASP B 151 -6.09 -0.11 -10.94
CA ASP B 151 -6.06 0.77 -12.11
C ASP B 151 -4.68 1.22 -12.58
N SER B 152 -3.65 1.10 -11.73
CA SER B 152 -2.32 1.54 -12.12
C SER B 152 -1.74 0.75 -13.28
N ARG B 153 -0.93 1.43 -14.08
CA ARG B 153 -0.25 0.87 -15.25
C ARG B 153 1.10 1.56 -15.35
N PRO B 154 2.09 0.90 -15.98
CA PRO B 154 3.43 1.51 -16.11
C PRO B 154 3.42 2.91 -16.73
N ASN B 155 2.40 3.21 -17.54
CA ASN B 155 2.32 4.49 -18.22
C ASN B 155 1.34 5.55 -17.71
N ASN B 156 0.59 5.27 -16.64
CA ASN B 156 -0.37 6.27 -16.19
C ASN B 156 -0.13 7.03 -14.88
N GLY B 157 0.98 6.77 -14.20
CA GLY B 157 1.26 7.50 -12.97
C GLY B 157 0.39 7.25 -11.74
N ILE B 158 -0.61 6.39 -11.84
CA ILE B 158 -1.47 6.09 -10.68
C ILE B 158 -0.67 5.22 -9.72
N PRO B 159 -0.65 5.58 -8.42
CA PRO B 159 0.12 4.74 -7.50
C PRO B 159 -0.45 3.32 -7.40
N VAL B 160 0.44 2.34 -7.25
CA VAL B 160 0.05 0.95 -7.12
C VAL B 160 -0.57 0.75 -5.74
N THR B 161 -1.76 0.14 -5.70
CA THR B 161 -2.47 -0.07 -4.45
C THR B 161 -3.05 -1.46 -4.27
N GLY B 162 -3.24 -2.19 -5.37
CA GLY B 162 -3.83 -3.52 -5.29
C GLY B 162 -5.30 -3.43 -4.92
N GLU B 163 -5.86 -2.23 -5.05
CA GLU B 163 -7.25 -1.98 -4.68
C GLU B 163 -8.34 -2.90 -5.23
N SER B 164 -8.25 -3.26 -6.51
CA SER B 164 -9.29 -4.12 -7.09
C SER B 164 -9.32 -5.50 -6.45
N ILE B 165 -8.16 -6.12 -6.28
CA ILE B 165 -8.12 -7.44 -5.67
C ILE B 165 -8.42 -7.36 -4.17
N ARG B 166 -7.95 -6.29 -3.51
CA ARG B 166 -8.20 -6.10 -2.09
C ARG B 166 -9.69 -5.98 -1.83
N ALA B 167 -10.39 -5.27 -2.72
CA ALA B 167 -11.83 -5.10 -2.57
C ALA B 167 -12.55 -6.44 -2.73
N ALA B 168 -12.07 -7.27 -3.64
CA ALA B 168 -12.70 -8.57 -3.87
C ALA B 168 -12.46 -9.50 -2.69
N LEU B 169 -11.23 -9.50 -2.17
CA LEU B 169 -10.91 -10.37 -1.03
C LEU B 169 -11.66 -9.94 0.22
N ASP B 170 -11.78 -8.64 0.46
CA ASP B 170 -12.51 -8.16 1.63
C ASP B 170 -13.96 -8.63 1.54
N ALA B 171 -14.54 -8.55 0.35
CA ALA B 171 -15.93 -8.98 0.17
C ALA B 171 -16.05 -10.48 0.45
N LEU B 172 -15.16 -11.28 -0.12
CA LEU B 172 -15.19 -12.73 0.09
C LEU B 172 -15.03 -13.11 1.57
N LEU B 173 -14.12 -12.44 2.26
CA LEU B 173 -13.89 -12.72 3.68
C LEU B 173 -15.04 -12.26 4.56
N GLU B 174 -15.81 -11.30 4.06
CA GLU B 174 -16.92 -10.74 4.82
C GLU B 174 -18.28 -11.31 4.40
N GLY B 175 -18.28 -12.27 3.48
CA GLY B 175 -19.53 -12.88 3.03
C GLY B 175 -20.39 -11.99 2.16
N ARG B 176 -19.75 -11.03 1.49
CA ARG B 176 -20.44 -10.09 0.60
C ARG B 176 -20.14 -10.37 -0.87
N PRO B 177 -20.99 -9.86 -1.78
CA PRO B 177 -20.72 -10.11 -3.19
C PRO B 177 -19.50 -9.34 -3.66
N VAL B 178 -18.72 -9.92 -4.56
CA VAL B 178 -17.54 -9.23 -5.08
C VAL B 178 -18.05 -8.10 -5.97
N PRO B 179 -17.42 -6.91 -5.91
CA PRO B 179 -17.84 -5.80 -6.75
C PRO B 179 -18.04 -6.23 -8.21
N GLU B 180 -19.12 -5.75 -8.82
CA GLU B 180 -19.46 -6.12 -10.19
C GLU B 180 -18.46 -5.66 -11.26
N LYS B 181 -17.98 -4.43 -11.14
CA LYS B 181 -17.04 -3.90 -12.13
C LYS B 181 -15.70 -4.62 -12.08
N GLN B 182 -15.38 -5.32 -13.17
CA GLN B 182 -14.13 -6.05 -13.28
C GLN B 182 -13.50 -5.74 -14.63
N LYS B 183 -12.29 -5.19 -14.59
CA LYS B 183 -11.57 -4.81 -15.79
C LYS B 183 -10.39 -5.74 -16.07
N PRO B 184 -10.09 -5.97 -17.35
CA PRO B 184 -8.97 -6.85 -17.68
C PRO B 184 -7.58 -6.32 -17.33
N SER B 185 -6.67 -7.25 -17.10
CA SER B 185 -5.29 -6.90 -16.81
C SER B 185 -4.65 -6.75 -18.19
N ILE B 186 -3.42 -6.25 -18.21
CA ILE B 186 -2.71 -6.10 -19.47
C ILE B 186 -1.25 -6.38 -19.14
N GLY B 187 -0.56 -7.02 -20.07
CA GLY B 187 0.84 -7.33 -19.86
C GLY B 187 1.42 -8.02 -21.07
N CYS B 188 2.62 -8.55 -20.93
CA CYS B 188 3.26 -9.26 -22.02
C CYS B 188 2.50 -10.55 -22.25
N SER B 189 2.42 -10.99 -23.51
CA SER B 189 1.71 -12.22 -23.79
C SER B 189 2.49 -13.38 -23.18
N ILE B 190 1.76 -14.40 -22.74
CA ILE B 190 2.41 -15.57 -22.21
C ILE B 190 3.20 -16.07 -23.41
N LYS B 191 4.43 -16.53 -23.18
CA LYS B 191 5.30 -16.98 -24.26
C LYS B 191 5.04 -18.44 -24.61
N TRP B 192 4.08 -18.63 -25.51
CA TRP B 192 3.67 -19.96 -25.94
C TRP B 192 4.71 -20.75 -26.71
N LYS B 193 4.72 -22.06 -26.49
CA LYS B 193 5.64 -22.93 -27.20
C LYS B 193 5.02 -23.16 -28.57
N PRO B 194 5.81 -23.63 -29.54
CA PRO B 194 5.27 -23.89 -30.88
C PRO B 194 4.07 -24.83 -30.80
N SER B 195 3.04 -24.58 -31.60
CA SER B 195 1.85 -25.43 -31.60
C SER B 195 2.22 -26.85 -32.00
N ALA B 196 1.71 -27.82 -31.25
CA ALA B 196 2.00 -29.22 -31.53
C ALA B 196 0.71 -30.01 -31.77
#